data_6BYA
#
_entry.id   6BYA
#
_cell.length_a   82.615
_cell.length_b   82.615
_cell.length_c   177.235
_cell.angle_alpha   90.00
_cell.angle_beta   90.00
_cell.angle_gamma   90.00
#
_symmetry.space_group_name_H-M   'P 41 21 2'
#
loop_
_entity.id
_entity.type
_entity.pdbx_description
1 polymer 'Uncharacterized protein'
2 non-polymer 2-[2-(3-chloro-4-methoxyphenyl)ethyl]-5-(3,5-dimethyl-1,2-oxazol-4-yl)-1-[(2S)-2-(morpholin-4-yl)propyl]-1H-benzimidazole
3 non-polymer 'UNKNOWN ATOM OR ION'
4 water water
#
_entity_poly.entity_id   1
_entity_poly.type   'polypeptide(L)'
_entity_poly.pdbx_seq_one_letter_code
;MHHHHHHSSGRENLYFQGYNEADVAALVRSLDRAEDHHIFAVDVLETYPYLAESYTKVCPRRCDLATAAQKALEGAYSYD
LRLEGLKADIALMASNCVAYNGPTSAYAETAAKFERYALEQIDAFVLEHNGGC
;
_entity_poly.pdbx_strand_id   A,B,C,D
#
# COMPACT_ATOMS: atom_id res chain seq x y z
N ASN A 13 2.28 10.29 7.91
CA ASN A 13 1.63 9.01 8.28
C ASN A 13 2.34 7.85 7.55
N LEU A 14 3.66 7.67 7.80
CA LEU A 14 4.47 6.64 7.14
C LEU A 14 4.11 5.22 7.49
N TYR A 15 3.39 5.04 8.60
CA TYR A 15 3.07 3.70 9.09
C TYR A 15 1.55 3.46 9.18
N PHE A 16 0.80 4.11 8.25
CA PHE A 16 -0.63 3.99 8.09
C PHE A 16 -0.94 2.51 7.93
N GLN A 17 -1.82 1.98 8.80
CA GLN A 17 -2.16 0.55 8.87
C GLN A 17 -3.23 0.11 7.85
N GLY A 18 -3.65 1.03 6.98
CA GLY A 18 -4.62 0.76 5.93
C GLY A 18 -6.07 0.90 6.33
N TYR A 19 -6.93 1.24 5.36
CA TYR A 19 -8.39 1.38 5.52
C TYR A 19 -9.02 -0.01 5.66
N ASN A 20 -10.11 -0.14 6.41
CA ASN A 20 -10.78 -1.44 6.59
C ASN A 20 -11.38 -1.88 5.25
N GLU A 21 -11.04 -3.09 4.79
CA GLU A 21 -11.45 -3.68 3.51
C GLU A 21 -12.95 -3.71 3.33
N ALA A 22 -13.70 -4.13 4.37
CA ALA A 22 -15.17 -4.18 4.35
C ALA A 22 -15.74 -2.78 4.15
N ASP A 23 -15.17 -1.77 4.85
CA ASP A 23 -15.56 -0.36 4.74
C ASP A 23 -15.37 0.18 3.32
N VAL A 24 -14.22 -0.13 2.70
CA VAL A 24 -13.90 0.27 1.32
C VAL A 24 -14.84 -0.44 0.33
N ALA A 25 -15.12 -1.73 0.57
CA ALA A 25 -16.04 -2.48 -0.31
C ALA A 25 -17.46 -1.92 -0.27
N ALA A 26 -17.92 -1.46 0.92
CA ALA A 26 -19.27 -0.87 1.04
C ALA A 26 -19.26 0.51 0.33
N LEU A 27 -18.13 1.23 0.37
CA LEU A 27 -17.98 2.51 -0.32
C LEU A 27 -18.13 2.26 -1.85
N VAL A 28 -17.44 1.24 -2.40
CA VAL A 28 -17.51 0.92 -3.83
C VAL A 28 -18.94 0.53 -4.24
N ARG A 29 -19.61 -0.29 -3.42
CA ARG A 29 -20.98 -0.71 -3.71
C ARG A 29 -21.96 0.45 -3.80
N SER A 30 -21.74 1.50 -2.99
CA SER A 30 -22.58 2.70 -2.95
C SER A 30 -22.40 3.57 -4.20
N LEU A 31 -21.40 3.28 -5.03
CA LEU A 31 -21.17 4.08 -6.25
C LEU A 31 -22.01 3.59 -7.45
N ASP A 32 -22.70 2.45 -7.28
CA ASP A 32 -23.56 1.84 -8.27
C ASP A 32 -24.95 2.50 -8.19
N ARG A 33 -25.21 3.45 -9.10
CA ARG A 33 -26.43 4.25 -9.05
C ARG A 33 -27.47 3.93 -10.13
N ALA A 34 -28.76 4.00 -9.77
CA ALA A 34 -29.87 3.79 -10.70
C ALA A 34 -29.90 4.92 -11.70
N GLU A 35 -29.56 6.15 -11.27
CA GLU A 35 -29.51 7.30 -12.18
C GLU A 35 -28.43 7.17 -13.30
N ASP A 36 -27.48 6.24 -13.10
CA ASP A 36 -26.44 5.90 -14.06
C ASP A 36 -26.85 4.68 -14.87
N HIS A 37 -28.11 4.21 -14.70
CA HIS A 37 -28.69 3.00 -15.34
C HIS A 37 -27.81 1.76 -15.05
N HIS A 38 -27.06 1.76 -13.91
CA HIS A 38 -26.19 0.65 -13.49
C HIS A 38 -25.19 0.21 -14.57
N ILE A 39 -24.79 1.14 -15.46
CA ILE A 39 -23.89 0.76 -16.55
C ILE A 39 -22.46 0.38 -16.05
N PHE A 40 -22.11 0.77 -14.81
CA PHE A 40 -20.79 0.47 -14.22
C PHE A 40 -20.79 -0.70 -13.25
N ALA A 41 -21.96 -1.33 -13.02
CA ALA A 41 -22.18 -2.43 -12.08
C ALA A 41 -21.26 -3.63 -12.28
N VAL A 42 -21.16 -4.10 -13.53
CA VAL A 42 -20.41 -5.31 -13.90
C VAL A 42 -19.61 -5.07 -15.19
N ASP A 43 -18.60 -5.90 -15.42
CA ASP A 43 -17.75 -5.91 -16.61
C ASP A 43 -18.59 -5.74 -17.85
N VAL A 44 -18.19 -4.83 -18.74
CA VAL A 44 -18.87 -4.61 -20.03
C VAL A 44 -18.98 -5.95 -20.81
N LEU A 45 -17.95 -6.79 -20.73
CA LEU A 45 -17.83 -8.08 -21.43
C LEU A 45 -18.58 -9.22 -20.75
N GLU A 46 -19.06 -9.02 -19.54
CA GLU A 46 -19.97 -9.94 -18.87
C GLU A 46 -21.36 -9.60 -19.49
N THR A 47 -21.68 -8.28 -19.66
CA THR A 47 -22.97 -7.92 -20.25
C THR A 47 -23.03 -8.22 -21.74
N TYR A 48 -21.97 -7.87 -22.47
CA TYR A 48 -21.82 -8.01 -23.91
C TYR A 48 -20.54 -8.85 -24.21
N PRO A 49 -20.59 -10.19 -24.01
CA PRO A 49 -19.39 -11.01 -24.25
C PRO A 49 -18.85 -11.00 -25.69
N TYR A 50 -19.74 -10.79 -26.67
CA TYR A 50 -19.34 -10.80 -28.07
C TYR A 50 -18.73 -9.47 -28.52
N LEU A 51 -18.79 -8.44 -27.65
CA LEU A 51 -18.19 -7.13 -27.91
C LEU A 51 -16.68 -7.15 -27.66
N ALA A 52 -16.15 -8.20 -27.00
CA ALA A 52 -14.74 -8.35 -26.60
C ALA A 52 -13.71 -7.88 -27.65
N GLU A 53 -13.79 -8.35 -28.91
CA GLU A 53 -12.82 -7.96 -29.96
C GLU A 53 -12.84 -6.45 -30.25
N SER A 54 -14.02 -5.92 -30.58
CA SER A 54 -14.25 -4.48 -30.82
C SER A 54 -13.88 -3.60 -29.58
N TYR A 55 -14.39 -3.98 -28.40
CA TYR A 55 -14.16 -3.23 -27.16
C TYR A 55 -12.68 -3.20 -26.72
N THR A 56 -11.98 -4.32 -26.79
CA THR A 56 -10.56 -4.47 -26.41
C THR A 56 -9.64 -3.65 -27.31
N LYS A 57 -9.95 -3.51 -28.61
CA LYS A 57 -9.17 -2.66 -29.52
C LYS A 57 -9.10 -1.22 -28.97
N VAL A 58 -10.18 -0.71 -28.42
CA VAL A 58 -10.31 0.67 -27.91
C VAL A 58 -9.87 0.75 -26.43
N CYS A 59 -10.28 -0.27 -25.62
CA CYS A 59 -10.09 -0.36 -24.17
C CYS A 59 -9.30 -1.58 -23.74
N PRO A 60 -7.95 -1.59 -23.89
CA PRO A 60 -7.16 -2.78 -23.50
C PRO A 60 -7.26 -3.12 -22.01
N ARG A 61 -7.52 -2.10 -21.17
CA ARG A 61 -7.67 -2.28 -19.73
C ARG A 61 -9.13 -1.89 -19.37
N ARG A 62 -9.77 -2.74 -18.57
CA ARG A 62 -11.17 -2.55 -18.11
C ARG A 62 -11.23 -2.66 -16.61
N CYS A 63 -12.29 -2.11 -16.01
CA CYS A 63 -12.70 -2.29 -14.64
C CYS A 63 -14.22 -2.04 -14.51
N ASP A 64 -14.77 -2.37 -13.35
CA ASP A 64 -16.19 -2.21 -13.08
C ASP A 64 -16.38 -2.24 -11.58
N LEU A 65 -17.56 -1.93 -11.14
CA LEU A 65 -17.81 -1.82 -9.72
C LEU A 65 -17.83 -3.14 -8.99
N ALA A 66 -18.32 -4.24 -9.63
CA ALA A 66 -18.26 -5.56 -8.99
C ALA A 66 -16.78 -6.02 -8.85
N THR A 67 -15.95 -5.86 -9.89
CA THR A 67 -14.49 -6.15 -9.80
C THR A 67 -13.79 -5.27 -8.72
N ALA A 68 -14.13 -3.97 -8.66
CA ALA A 68 -13.53 -3.08 -7.67
C ALA A 68 -13.92 -3.42 -6.22
N ALA A 69 -15.19 -3.83 -5.97
CA ALA A 69 -15.68 -4.24 -4.64
C ALA A 69 -14.97 -5.53 -4.18
N GLN A 70 -14.65 -6.43 -5.13
CA GLN A 70 -13.90 -7.68 -4.94
C GLN A 70 -12.41 -7.32 -4.58
N LYS A 71 -11.76 -6.46 -5.40
CA LYS A 71 -10.38 -5.97 -5.19
C LYS A 71 -10.26 -5.24 -3.84
N ALA A 72 -11.32 -4.53 -3.41
CA ALA A 72 -11.35 -3.83 -2.13
C ALA A 72 -11.24 -4.83 -0.97
N LEU A 73 -11.93 -5.99 -1.09
CA LEU A 73 -11.94 -7.06 -0.09
C LEU A 73 -10.61 -7.82 -0.06
N GLU A 74 -9.85 -7.80 -1.14
CA GLU A 74 -8.51 -8.40 -1.22
C GLU A 74 -7.49 -7.45 -0.62
N GLY A 75 -7.89 -6.21 -0.30
CA GLY A 75 -7.01 -5.16 0.23
C GLY A 75 -6.26 -4.36 -0.81
N ALA A 76 -6.70 -4.39 -2.09
CA ALA A 76 -6.05 -3.68 -3.20
C ALA A 76 -5.92 -2.19 -3.01
N TYR A 77 -6.88 -1.56 -2.29
CA TYR A 77 -6.92 -0.11 -2.08
C TYR A 77 -6.60 0.40 -0.67
N SER A 78 -6.63 -0.49 0.31
CA SER A 78 -6.45 -0.16 1.73
C SER A 78 -5.22 0.67 2.12
N TYR A 79 -4.09 0.49 1.45
CA TYR A 79 -2.81 1.10 1.82
C TYR A 79 -2.51 2.42 1.15
N ASP A 80 -3.38 2.87 0.25
CA ASP A 80 -3.22 4.19 -0.34
C ASP A 80 -3.84 5.19 0.64
N LEU A 81 -3.09 6.18 1.08
CA LEU A 81 -3.59 7.15 2.06
C LEU A 81 -4.85 7.86 1.61
N ARG A 82 -4.97 8.19 0.33
CA ARG A 82 -6.08 8.93 -0.20
C ARG A 82 -6.85 8.12 -1.25
N LEU A 83 -6.80 6.77 -1.15
CA LEU A 83 -7.46 5.82 -2.04
C LEU A 83 -7.24 6.11 -3.54
N GLU A 84 -5.99 6.46 -3.91
CA GLU A 84 -5.52 6.83 -5.26
C GLU A 84 -5.74 5.68 -6.25
N GLY A 85 -5.55 4.45 -5.79
CA GLY A 85 -5.79 3.23 -6.56
C GLY A 85 -7.25 3.04 -6.96
N LEU A 86 -8.17 3.31 -6.02
CA LEU A 86 -9.59 3.20 -6.28
C LEU A 86 -10.01 4.32 -7.25
N LYS A 87 -9.51 5.57 -7.04
CA LYS A 87 -9.80 6.71 -7.90
C LYS A 87 -9.36 6.42 -9.35
N ALA A 88 -8.16 5.77 -9.52
CA ALA A 88 -7.63 5.37 -10.83
C ALA A 88 -8.52 4.35 -11.50
N ASP A 89 -9.13 3.42 -10.73
CA ASP A 89 -10.07 2.42 -11.27
C ASP A 89 -11.41 3.03 -11.67
N ILE A 90 -11.89 4.06 -10.94
CA ILE A 90 -13.11 4.80 -11.27
C ILE A 90 -12.89 5.58 -12.57
N ALA A 91 -11.70 6.25 -12.67
CA ALA A 91 -11.29 7.04 -13.83
C ALA A 91 -11.22 6.19 -15.08
N LEU A 92 -10.76 4.94 -14.95
CA LEU A 92 -10.69 3.96 -16.03
C LEU A 92 -12.11 3.56 -16.52
N MET A 93 -12.99 3.25 -15.60
CA MET A 93 -14.39 2.95 -15.93
C MET A 93 -14.99 4.08 -16.78
N ALA A 94 -14.86 5.32 -16.30
CA ALA A 94 -15.43 6.52 -16.90
C ALA A 94 -14.82 6.79 -18.27
N SER A 95 -13.49 6.72 -18.36
CA SER A 95 -12.71 6.97 -19.57
C SER A 95 -13.03 5.96 -20.68
N ASN A 96 -13.13 4.67 -20.34
CA ASN A 96 -13.46 3.63 -21.33
C ASN A 96 -14.85 3.86 -21.91
N CYS A 97 -15.80 4.25 -21.06
CA CYS A 97 -17.16 4.52 -21.46
C CYS A 97 -17.20 5.74 -22.43
N VAL A 98 -16.46 6.83 -22.14
CA VAL A 98 -16.37 7.98 -23.05
C VAL A 98 -15.68 7.56 -24.38
N ALA A 99 -14.55 6.87 -24.28
CA ALA A 99 -13.80 6.42 -25.45
C ALA A 99 -14.58 5.47 -26.35
N TYR A 100 -15.27 4.47 -25.76
CA TYR A 100 -15.98 3.48 -26.56
C TYR A 100 -17.27 4.03 -27.15
N ASN A 101 -18.02 4.79 -26.37
CA ASN A 101 -19.33 5.32 -26.80
C ASN A 101 -19.28 6.68 -27.49
N GLY A 102 -18.19 7.42 -27.35
CA GLY A 102 -18.02 8.73 -27.99
C GLY A 102 -18.38 9.90 -27.11
N PRO A 103 -17.75 11.08 -27.31
CA PRO A 103 -17.99 12.21 -26.40
C PRO A 103 -19.36 12.86 -26.46
N THR A 104 -20.11 12.68 -27.54
CA THR A 104 -21.46 13.23 -27.72
C THR A 104 -22.59 12.29 -27.23
N SER A 105 -22.27 11.05 -26.85
CA SER A 105 -23.35 10.16 -26.38
C SER A 105 -23.80 10.48 -24.94
N ALA A 106 -24.99 9.99 -24.57
CA ALA A 106 -25.56 10.10 -23.23
C ALA A 106 -24.70 9.26 -22.25
N TYR A 107 -24.03 8.22 -22.77
CA TYR A 107 -23.10 7.36 -22.03
C TYR A 107 -21.91 8.15 -21.49
N ALA A 108 -21.31 9.00 -22.36
CA ALA A 108 -20.17 9.86 -22.02
C ALA A 108 -20.58 10.83 -20.89
N GLU A 109 -21.79 11.41 -20.99
CA GLU A 109 -22.39 12.31 -20.01
C GLU A 109 -22.63 11.57 -18.67
N THR A 110 -23.17 10.35 -18.70
CA THR A 110 -23.36 9.53 -17.51
C THR A 110 -21.96 9.19 -16.89
N ALA A 111 -20.96 8.86 -17.73
CA ALA A 111 -19.58 8.56 -17.25
C ALA A 111 -18.95 9.76 -16.50
N ALA A 112 -19.07 10.97 -17.05
CA ALA A 112 -18.59 12.19 -16.42
C ALA A 112 -19.32 12.48 -15.07
N LYS A 113 -20.66 12.28 -15.04
CA LYS A 113 -21.45 12.47 -13.84
C LYS A 113 -21.09 11.44 -12.75
N PHE A 114 -20.96 10.18 -13.14
CA PHE A 114 -20.59 9.08 -12.24
C PHE A 114 -19.21 9.35 -11.63
N GLU A 115 -18.22 9.67 -12.48
CA GLU A 115 -16.88 10.00 -12.03
C GLU A 115 -16.88 11.11 -10.95
N ARG A 116 -17.55 12.25 -11.22
CA ARG A 116 -17.65 13.38 -10.28
C ARG A 116 -18.29 12.91 -8.98
N TYR A 117 -19.41 12.14 -9.04
CA TYR A 117 -20.06 11.63 -7.85
C TYR A 117 -19.11 10.71 -7.05
N ALA A 118 -18.49 9.76 -7.74
CA ALA A 118 -17.56 8.78 -7.15
C ALA A 118 -16.37 9.44 -6.46
N LEU A 119 -15.71 10.43 -7.10
CA LEU A 119 -14.55 11.12 -6.48
C LEU A 119 -14.93 11.87 -5.21
N GLU A 120 -16.15 12.47 -5.20
CA GLU A 120 -16.69 13.18 -4.05
C GLU A 120 -16.95 12.21 -2.90
N GLN A 121 -17.48 11.03 -3.20
CA GLN A 121 -17.75 10.03 -2.16
C GLN A 121 -16.44 9.48 -1.62
N ILE A 122 -15.44 9.25 -2.51
CA ILE A 122 -14.11 8.76 -2.13
C ILE A 122 -13.44 9.76 -1.20
N ASP A 123 -13.45 11.08 -1.58
CA ASP A 123 -12.85 12.14 -0.78
C ASP A 123 -13.54 12.27 0.56
N ALA A 124 -14.91 12.15 0.59
CA ALA A 124 -15.64 12.25 1.85
C ALA A 124 -15.31 11.08 2.77
N PHE A 125 -15.12 9.86 2.20
CA PHE A 125 -14.71 8.68 2.97
C PHE A 125 -13.34 8.91 3.63
N VAL A 126 -12.33 9.34 2.84
CA VAL A 126 -10.96 9.62 3.29
C VAL A 126 -10.99 10.62 4.43
N LEU A 127 -11.71 11.76 4.25
CA LEU A 127 -11.87 12.81 5.25
C LEU A 127 -12.46 12.25 6.56
N GLU A 128 -13.54 11.44 6.46
CA GLU A 128 -14.21 10.77 7.57
C GLU A 128 -13.32 9.74 8.30
N HIS A 129 -12.58 8.88 7.56
CA HIS A 129 -11.73 7.81 8.13
C HIS A 129 -10.26 8.23 8.30
N ASN A 130 -10.02 9.51 8.69
CA ASN A 130 -8.69 10.08 8.92
N HIS B 3 -10.10 11.74 -22.08
CA HIS B 3 -11.27 12.16 -21.30
C HIS B 3 -10.77 13.29 -20.39
N HIS B 4 -11.55 14.40 -20.31
CA HIS B 4 -11.20 15.48 -19.40
C HIS B 4 -11.88 15.11 -18.09
N HIS B 5 -11.08 14.54 -17.18
CA HIS B 5 -11.55 14.03 -15.90
C HIS B 5 -11.87 15.15 -14.93
N HIS B 6 -12.70 14.85 -13.93
CA HIS B 6 -13.09 15.78 -12.87
C HIS B 6 -11.88 16.02 -11.95
N HIS B 7 -11.59 17.30 -11.63
CA HIS B 7 -10.49 17.72 -10.75
C HIS B 7 -10.90 18.90 -9.88
N PHE B 16 -4.87 17.21 -2.65
CA PHE B 16 -4.49 17.04 -4.05
C PHE B 16 -5.69 16.74 -4.95
N GLN B 17 -5.83 17.58 -5.99
CA GLN B 17 -6.89 17.52 -6.98
C GLN B 17 -6.57 16.52 -8.12
N GLY B 18 -5.30 16.10 -8.21
CA GLY B 18 -4.86 15.21 -9.28
C GLY B 18 -4.28 16.00 -10.45
N TYR B 19 -3.39 15.37 -11.23
CA TYR B 19 -2.79 16.01 -12.42
C TYR B 19 -3.76 15.94 -13.56
N ASN B 20 -3.68 16.92 -14.46
CA ASN B 20 -4.44 16.98 -15.70
C ASN B 20 -3.93 15.85 -16.58
N GLU B 21 -4.82 14.93 -16.99
CA GLU B 21 -4.50 13.75 -17.81
C GLU B 21 -3.88 14.05 -19.14
N ALA B 22 -4.35 15.12 -19.81
CA ALA B 22 -3.79 15.54 -21.09
C ALA B 22 -2.31 15.96 -20.89
N ASP B 23 -1.98 16.62 -19.74
CA ASP B 23 -0.60 17.01 -19.39
C ASP B 23 0.28 15.81 -19.13
N VAL B 24 -0.22 14.82 -18.38
CA VAL B 24 0.51 13.58 -18.10
C VAL B 24 0.73 12.82 -19.44
N ALA B 25 -0.28 12.78 -20.33
CA ALA B 25 -0.10 12.10 -21.63
C ALA B 25 0.95 12.78 -22.49
N ALA B 26 0.98 14.13 -22.49
CA ALA B 26 1.99 14.91 -23.23
C ALA B 26 3.40 14.69 -22.63
N LEU B 27 3.51 14.57 -21.30
CA LEU B 27 4.79 14.28 -20.67
C LEU B 27 5.26 12.89 -21.14
N VAL B 28 4.36 11.89 -21.13
CA VAL B 28 4.67 10.54 -21.58
C VAL B 28 5.17 10.53 -23.04
N ARG B 29 4.46 11.20 -23.93
CA ARG B 29 4.90 11.33 -25.33
C ARG B 29 6.27 11.97 -25.50
N SER B 30 6.65 12.88 -24.60
CA SER B 30 7.98 13.52 -24.74
C SER B 30 9.11 12.54 -24.33
N LEU B 31 8.78 11.38 -23.76
CA LEU B 31 9.78 10.40 -23.36
C LEU B 31 10.14 9.45 -24.52
N ASP B 32 9.41 9.53 -25.65
CA ASP B 32 9.65 8.70 -26.83
C ASP B 32 10.61 9.47 -27.68
N ARG B 33 11.89 9.12 -27.61
CA ARG B 33 12.95 9.88 -28.31
C ARG B 33 13.58 9.15 -29.49
N ALA B 34 13.97 9.94 -30.48
CA ALA B 34 14.74 9.56 -31.67
C ALA B 34 16.08 8.98 -31.21
N GLU B 35 16.68 9.58 -30.15
CA GLU B 35 17.95 9.21 -29.48
C GLU B 35 17.92 7.75 -29.00
N ASP B 36 16.71 7.27 -28.67
CA ASP B 36 16.51 5.91 -28.19
C ASP B 36 16.01 5.01 -29.33
N HIS B 37 16.11 5.47 -30.60
CA HIS B 37 15.72 4.74 -31.80
C HIS B 37 14.26 4.35 -31.76
N HIS B 38 13.47 5.04 -30.90
CA HIS B 38 12.04 4.81 -30.67
C HIS B 38 11.77 3.34 -30.25
N ILE B 39 12.73 2.71 -29.50
CA ILE B 39 12.55 1.30 -29.11
C ILE B 39 11.44 1.14 -28.04
N PHE B 40 11.15 2.19 -27.23
CA PHE B 40 10.09 2.10 -26.21
C PHE B 40 8.74 2.65 -26.69
N ALA B 41 8.66 3.11 -27.94
CA ALA B 41 7.47 3.72 -28.51
C ALA B 41 6.20 2.88 -28.39
N VAL B 42 6.23 1.63 -28.85
CA VAL B 42 5.08 0.74 -28.89
C VAL B 42 5.43 -0.64 -28.32
N ASP B 43 4.39 -1.43 -28.01
CA ASP B 43 4.49 -2.77 -27.47
C ASP B 43 5.53 -3.57 -28.30
N VAL B 44 6.48 -4.23 -27.61
CA VAL B 44 7.49 -5.08 -28.28
C VAL B 44 6.80 -6.09 -29.24
N LEU B 45 5.66 -6.65 -28.78
CA LEU B 45 4.89 -7.66 -29.48
C LEU B 45 4.01 -7.13 -30.61
N GLU B 46 3.91 -5.81 -30.74
CA GLU B 46 3.26 -5.13 -31.83
C GLU B 46 4.33 -5.02 -32.97
N THR B 47 5.57 -4.61 -32.63
CA THR B 47 6.70 -4.57 -33.57
C THR B 47 7.10 -6.01 -34.03
N TYR B 48 7.20 -6.95 -33.09
CA TYR B 48 7.63 -8.33 -33.36
C TYR B 48 6.61 -9.35 -32.84
N PRO B 49 5.47 -9.56 -33.53
CA PRO B 49 4.45 -10.52 -33.03
C PRO B 49 4.95 -11.96 -32.85
N TYR B 50 5.93 -12.39 -33.65
CA TYR B 50 6.54 -13.73 -33.58
C TYR B 50 7.22 -13.98 -32.23
N LEU B 51 7.64 -12.93 -31.52
CA LEU B 51 8.34 -13.05 -30.24
C LEU B 51 7.48 -13.36 -29.05
N ALA B 52 6.12 -13.33 -29.19
CA ALA B 52 5.19 -13.49 -28.08
C ALA B 52 5.58 -14.53 -27.04
N GLU B 53 5.74 -15.79 -27.47
CA GLU B 53 6.03 -16.93 -26.60
C GLU B 53 7.33 -16.76 -25.85
N SER B 54 8.43 -16.59 -26.59
CA SER B 54 9.80 -16.39 -26.12
C SER B 54 9.94 -15.16 -25.18
N TYR B 55 9.42 -14.01 -25.61
CA TYR B 55 9.54 -12.78 -24.84
C TYR B 55 8.75 -12.80 -23.52
N THR B 56 7.52 -13.34 -23.56
CA THR B 56 6.65 -13.48 -22.40
C THR B 56 7.26 -14.42 -21.33
N LYS B 57 8.04 -15.44 -21.72
CA LYS B 57 8.71 -16.33 -20.76
C LYS B 57 9.68 -15.49 -19.89
N VAL B 58 10.44 -14.57 -20.52
CA VAL B 58 11.41 -13.71 -19.84
C VAL B 58 10.70 -12.57 -19.10
N CYS B 59 9.75 -11.90 -19.80
CA CYS B 59 9.02 -10.72 -19.37
C CYS B 59 7.48 -10.94 -19.27
N PRO B 60 6.96 -11.45 -18.12
CA PRO B 60 5.50 -11.67 -17.99
C PRO B 60 4.63 -10.41 -17.91
N ARG B 61 5.21 -9.27 -17.52
CA ARG B 61 4.54 -7.97 -17.44
C ARG B 61 5.26 -7.06 -18.39
N ARG B 62 4.52 -6.36 -19.24
CA ARG B 62 5.10 -5.49 -20.26
C ARG B 62 4.49 -4.11 -20.20
N CYS B 63 5.20 -3.13 -20.76
CA CYS B 63 4.72 -1.77 -20.92
C CYS B 63 5.51 -1.11 -22.02
N ASP B 64 4.98 -0.01 -22.55
CA ASP B 64 5.62 0.76 -23.62
C ASP B 64 5.05 2.16 -23.49
N LEU B 65 5.61 3.13 -24.23
CA LEU B 65 5.17 4.54 -24.16
C LEU B 65 3.79 4.78 -24.79
N ALA B 66 3.36 4.02 -25.81
CA ALA B 66 2.00 4.23 -26.34
C ALA B 66 0.98 3.76 -25.28
N THR B 67 1.28 2.64 -24.59
CA THR B 67 0.43 2.12 -23.51
C THR B 67 0.41 3.10 -22.33
N ALA B 68 1.57 3.62 -21.92
CA ALA B 68 1.66 4.59 -20.81
C ALA B 68 0.88 5.89 -21.07
N ALA B 69 0.91 6.36 -22.33
CA ALA B 69 0.24 7.61 -22.74
C ALA B 69 -1.27 7.39 -22.70
N GLN B 70 -1.70 6.20 -23.10
CA GLN B 70 -3.10 5.78 -23.05
C GLN B 70 -3.54 5.70 -21.58
N LYS B 71 -2.69 5.12 -20.72
CA LYS B 71 -2.98 4.99 -19.29
C LYS B 71 -3.08 6.37 -18.64
N ALA B 72 -2.25 7.31 -19.08
CA ALA B 72 -2.23 8.70 -18.60
C ALA B 72 -3.59 9.29 -18.84
N LEU B 73 -4.14 9.14 -20.07
CA LEU B 73 -5.49 9.62 -20.42
C LEU B 73 -6.60 8.93 -19.67
N GLU B 74 -6.38 7.66 -19.26
CA GLU B 74 -7.37 6.88 -18.51
C GLU B 74 -7.45 7.33 -17.05
N GLY B 75 -6.45 8.07 -16.61
CA GLY B 75 -6.32 8.58 -15.25
C GLY B 75 -5.53 7.67 -14.34
N ALA B 76 -4.71 6.77 -14.92
CA ALA B 76 -3.93 5.78 -14.16
C ALA B 76 -2.93 6.39 -13.17
N TYR B 77 -2.35 7.56 -13.53
CA TYR B 77 -1.31 8.18 -12.74
C TYR B 77 -1.70 9.50 -12.11
N SER B 78 -2.91 9.98 -12.34
CA SER B 78 -3.35 11.32 -11.99
C SER B 78 -3.35 11.65 -10.53
N TYR B 79 -3.55 10.64 -9.68
CA TYR B 79 -3.57 10.89 -8.27
C TYR B 79 -2.29 10.46 -7.57
N ASP B 80 -1.22 10.08 -8.32
CA ASP B 80 0.08 9.78 -7.70
C ASP B 80 0.82 11.11 -7.67
N LEU B 81 0.99 11.66 -6.47
CA LEU B 81 1.58 12.98 -6.23
C LEU B 81 2.94 13.12 -6.86
N ARG B 82 3.73 12.02 -6.91
CA ARG B 82 5.07 11.99 -7.49
C ARG B 82 5.09 11.13 -8.77
N LEU B 83 3.92 10.84 -9.34
CA LEU B 83 3.81 10.03 -10.56
C LEU B 83 4.50 8.68 -10.45
N GLU B 84 4.49 8.10 -9.22
CA GLU B 84 5.09 6.82 -8.83
C GLU B 84 4.71 5.66 -9.77
N GLY B 85 3.41 5.53 -10.10
CA GLY B 85 2.89 4.48 -10.98
C GLY B 85 3.50 4.58 -12.37
N LEU B 86 3.82 5.80 -12.84
CA LEU B 86 4.45 6.04 -14.16
C LEU B 86 5.94 5.71 -14.12
N LYS B 87 6.61 6.03 -13.01
CA LYS B 87 8.02 5.75 -12.80
C LYS B 87 8.17 4.23 -12.77
N ALA B 88 7.23 3.51 -12.10
CA ALA B 88 7.22 2.03 -12.07
C ALA B 88 7.08 1.47 -13.49
N ASP B 89 6.20 2.07 -14.32
CA ASP B 89 5.99 1.67 -15.73
C ASP B 89 7.23 1.86 -16.57
N ILE B 90 7.95 2.97 -16.34
CA ILE B 90 9.22 3.32 -17.01
C ILE B 90 10.29 2.28 -16.58
N ALA B 91 10.43 2.01 -15.24
CA ALA B 91 11.38 1.02 -14.70
C ALA B 91 11.13 -0.37 -15.35
N LEU B 92 9.86 -0.76 -15.53
CA LEU B 92 9.46 -2.00 -16.18
C LEU B 92 9.95 -2.12 -17.64
N MET B 93 9.76 -1.07 -18.43
CA MET B 93 10.17 -1.05 -19.84
C MET B 93 11.66 -1.23 -19.96
N ALA B 94 12.44 -0.50 -19.13
CA ALA B 94 13.91 -0.55 -19.11
C ALA B 94 14.40 -1.90 -18.61
N SER B 95 13.77 -2.42 -17.54
CA SER B 95 14.09 -3.71 -16.93
C SER B 95 13.89 -4.85 -17.95
N ASN B 96 12.73 -4.87 -18.62
CA ASN B 96 12.41 -5.86 -19.64
C ASN B 96 13.42 -5.86 -20.78
N CYS B 97 13.82 -4.68 -21.22
CA CYS B 97 14.77 -4.47 -22.29
C CYS B 97 16.15 -5.07 -21.95
N VAL B 98 16.63 -4.86 -20.72
CA VAL B 98 17.90 -5.43 -20.25
C VAL B 98 17.76 -6.97 -20.09
N ALA B 99 16.64 -7.46 -19.49
CA ALA B 99 16.43 -8.91 -19.24
C ALA B 99 16.29 -9.70 -20.53
N TYR B 100 15.55 -9.17 -21.49
CA TYR B 100 15.37 -9.89 -22.75
C TYR B 100 16.57 -9.78 -23.69
N ASN B 101 17.15 -8.60 -23.87
CA ASN B 101 18.26 -8.44 -24.81
C ASN B 101 19.65 -8.72 -24.24
N GLY B 102 19.82 -8.73 -22.91
CA GLY B 102 21.11 -8.96 -22.29
C GLY B 102 21.78 -7.69 -21.79
N PRO B 103 22.56 -7.75 -20.68
CA PRO B 103 23.18 -6.52 -20.12
C PRO B 103 24.37 -5.93 -20.90
N THR B 104 24.91 -6.66 -21.90
CA THR B 104 26.05 -6.22 -22.70
C THR B 104 25.63 -5.74 -24.11
N SER B 105 24.32 -5.83 -24.44
CA SER B 105 23.81 -5.34 -25.74
C SER B 105 23.75 -3.80 -25.81
N ALA B 106 23.61 -3.27 -27.03
CA ALA B 106 23.40 -1.85 -27.31
C ALA B 106 22.02 -1.46 -26.77
N TYR B 107 21.08 -2.42 -26.67
CA TYR B 107 19.75 -2.20 -26.14
C TYR B 107 19.80 -1.82 -24.66
N ALA B 108 20.63 -2.52 -23.87
CA ALA B 108 20.84 -2.28 -22.46
C ALA B 108 21.39 -0.86 -22.22
N GLU B 109 22.29 -0.38 -23.11
CA GLU B 109 22.86 0.94 -23.03
C GLU B 109 21.74 1.95 -23.25
N THR B 110 20.96 1.76 -24.33
CA THR B 110 19.79 2.57 -24.68
C THR B 110 18.78 2.59 -23.53
N ALA B 111 18.44 1.43 -22.96
CA ALA B 111 17.55 1.30 -21.81
C ALA B 111 17.98 2.18 -20.60
N ALA B 112 19.29 2.18 -20.29
CA ALA B 112 19.87 2.92 -19.17
C ALA B 112 19.79 4.45 -19.36
N LYS B 113 19.99 4.94 -20.61
CA LYS B 113 19.94 6.37 -20.94
C LYS B 113 18.48 6.82 -20.89
N PHE B 114 17.59 6.04 -21.52
CA PHE B 114 16.17 6.30 -21.55
C PHE B 114 15.65 6.41 -20.14
N GLU B 115 16.02 5.45 -19.27
CA GLU B 115 15.54 5.43 -17.88
C GLU B 115 15.95 6.67 -17.13
N ARG B 116 17.23 7.02 -17.19
CA ARG B 116 17.80 8.18 -16.53
C ARG B 116 17.13 9.46 -17.01
N TYR B 117 16.92 9.59 -18.33
CA TYR B 117 16.28 10.76 -18.93
C TYR B 117 14.80 10.85 -18.50
N ALA B 118 14.06 9.73 -18.65
CA ALA B 118 12.64 9.64 -18.33
C ALA B 118 12.37 10.00 -16.88
N LEU B 119 13.16 9.48 -15.93
CA LEU B 119 12.97 9.81 -14.49
C LEU B 119 13.24 11.27 -14.19
N GLU B 120 14.21 11.85 -14.88
CA GLU B 120 14.55 13.26 -14.71
C GLU B 120 13.41 14.17 -15.20
N GLN B 121 12.82 13.83 -16.37
CA GLN B 121 11.68 14.55 -16.94
C GLN B 121 10.45 14.44 -16.07
N ILE B 122 10.26 13.29 -15.43
CA ILE B 122 9.10 13.06 -14.53
C ILE B 122 9.25 13.89 -13.26
N ASP B 123 10.48 13.93 -12.69
CA ASP B 123 10.78 14.74 -11.52
C ASP B 123 10.60 16.21 -11.83
N ALA B 124 11.03 16.67 -13.02
CA ALA B 124 10.87 18.08 -13.41
C ALA B 124 9.38 18.41 -13.54
N PHE B 125 8.55 17.48 -14.12
CA PHE B 125 7.09 17.65 -14.26
C PHE B 125 6.47 17.84 -12.85
N VAL B 126 6.82 16.95 -11.92
CA VAL B 126 6.34 16.94 -10.54
C VAL B 126 6.66 18.27 -9.84
N LEU B 127 7.92 18.77 -9.96
CA LEU B 127 8.32 20.04 -9.35
C LEU B 127 7.58 21.24 -9.98
N GLU B 128 7.39 21.24 -11.31
CA GLU B 128 6.70 22.28 -12.08
C GLU B 128 5.22 22.44 -11.65
N HIS B 129 4.47 21.33 -11.55
CA HIS B 129 3.06 21.35 -11.19
C HIS B 129 2.82 21.38 -9.66
N ASN B 130 3.88 21.76 -8.89
CA ASN B 130 3.90 21.90 -7.43
C ASN B 130 4.88 23.00 -7.00
N LEU C 14 8.11 15.33 -2.22
CA LEU C 14 8.06 15.27 -3.67
C LEU C 14 9.37 14.77 -4.33
N TYR C 15 10.53 15.11 -3.73
CA TYR C 15 11.89 14.79 -4.20
C TYR C 15 12.35 13.31 -4.06
N PHE C 16 11.58 12.43 -3.34
CA PHE C 16 11.91 10.99 -3.09
C PHE C 16 12.43 10.28 -4.36
N GLN C 17 13.65 9.73 -4.30
CA GLN C 17 14.35 9.11 -5.45
C GLN C 17 14.06 7.62 -5.67
N GLY C 18 13.40 6.98 -4.72
CA GLY C 18 13.06 5.58 -4.87
C GLY C 18 14.02 4.64 -4.16
N TYR C 19 13.48 3.53 -3.70
CA TYR C 19 14.24 2.50 -3.01
C TYR C 19 15.05 1.68 -4.00
N ASN C 20 16.22 1.18 -3.57
CA ASN C 20 17.07 0.33 -4.41
C ASN C 20 16.36 -1.03 -4.60
N GLU C 21 16.20 -1.47 -5.86
CA GLU C 21 15.53 -2.70 -6.29
C GLU C 21 16.01 -3.97 -5.55
N ALA C 22 17.34 -4.12 -5.40
CA ALA C 22 17.95 -5.27 -4.73
C ALA C 22 17.60 -5.32 -3.23
N ASP C 23 17.49 -4.14 -2.57
CA ASP C 23 17.11 -4.00 -1.16
C ASP C 23 15.64 -4.39 -0.98
N VAL C 24 14.79 -4.00 -1.95
CA VAL C 24 13.35 -4.34 -1.93
C VAL C 24 13.24 -5.84 -2.19
N ALA C 25 13.99 -6.40 -3.17
CA ALA C 25 13.97 -7.85 -3.44
C ALA C 25 14.42 -8.66 -2.21
N ALA C 26 15.41 -8.15 -1.46
CA ALA C 26 15.92 -8.78 -0.24
C ALA C 26 14.87 -8.77 0.88
N LEU C 27 14.13 -7.65 0.99
CA LEU C 27 13.04 -7.52 1.96
C LEU C 27 11.96 -8.55 1.62
N VAL C 28 11.58 -8.66 0.33
CA VAL C 28 10.54 -9.61 -0.13
C VAL C 28 10.97 -11.04 0.23
N ARG C 29 12.20 -11.42 -0.14
CA ARG C 29 12.74 -12.76 0.13
C ARG C 29 12.80 -13.08 1.64
N SER C 30 12.97 -12.05 2.50
CA SER C 30 12.96 -12.21 3.96
C SER C 30 11.55 -12.51 4.52
N LEU C 31 10.50 -12.31 3.72
CA LEU C 31 9.14 -12.53 4.18
C LEU C 31 8.69 -14.01 4.08
N ASP C 32 9.55 -14.88 3.48
CA ASP C 32 9.30 -16.31 3.29
C ASP C 32 9.87 -17.04 4.48
N ARG C 33 8.97 -17.45 5.38
CA ARG C 33 9.33 -18.05 6.66
C ARG C 33 8.93 -19.49 6.82
N ALA C 34 9.73 -20.24 7.60
CA ALA C 34 9.46 -21.63 7.97
C ALA C 34 8.29 -21.67 8.96
N GLU C 35 8.08 -20.58 9.75
N GLU C 35 8.10 -20.61 9.76
CA GLU C 35 6.98 -20.45 10.71
CA GLU C 35 6.97 -20.54 10.71
C GLU C 35 5.63 -20.42 9.98
C GLU C 35 5.62 -20.42 9.98
N ASP C 36 5.64 -20.05 8.69
CA ASP C 36 4.44 -19.97 7.83
C ASP C 36 4.41 -21.15 6.91
N HIS C 37 5.39 -22.06 7.07
CA HIS C 37 5.52 -23.31 6.33
C HIS C 37 5.70 -23.05 4.84
N HIS C 38 6.30 -21.89 4.48
CA HIS C 38 6.58 -21.46 3.10
C HIS C 38 5.37 -21.56 2.19
N ILE C 39 4.17 -21.33 2.72
CA ILE C 39 2.97 -21.46 1.90
C ILE C 39 2.83 -20.30 0.91
N PHE C 40 3.54 -19.19 1.16
CA PHE C 40 3.53 -18.02 0.29
C PHE C 40 4.76 -17.93 -0.61
N ALA C 41 5.67 -18.91 -0.53
CA ALA C 41 6.92 -18.90 -1.31
C ALA C 41 6.70 -18.85 -2.84
N VAL C 42 5.84 -19.72 -3.37
CA VAL C 42 5.63 -19.81 -4.83
C VAL C 42 4.18 -19.83 -5.16
N ASP C 43 3.87 -19.58 -6.43
CA ASP C 43 2.51 -19.59 -6.96
C ASP C 43 1.85 -20.91 -6.52
N VAL C 44 0.61 -20.83 -6.01
CA VAL C 44 -0.18 -22.00 -5.56
C VAL C 44 -0.29 -22.99 -6.71
N LEU C 45 -0.57 -22.47 -7.92
CA LEU C 45 -0.73 -23.28 -9.12
C LEU C 45 0.57 -23.85 -9.62
N GLU C 46 1.73 -23.42 -9.09
CA GLU C 46 3.00 -24.02 -9.48
C GLU C 46 3.15 -25.35 -8.69
N THR C 47 2.83 -25.30 -7.36
CA THR C 47 2.87 -26.44 -6.44
C THR C 47 1.74 -27.46 -6.72
N TYR C 48 0.51 -26.97 -6.94
CA TYR C 48 -0.69 -27.79 -7.16
C TYR C 48 -1.34 -27.40 -8.49
N PRO C 49 -0.76 -27.75 -9.66
CA PRO C 49 -1.39 -27.33 -10.94
C PRO C 49 -2.81 -27.86 -11.12
N TYR C 50 -3.17 -29.00 -10.46
CA TYR C 50 -4.48 -29.63 -10.52
C TYR C 50 -5.60 -28.73 -9.93
N LEU C 51 -5.23 -27.70 -9.12
CA LEU C 51 -6.21 -26.77 -8.57
C LEU C 51 -6.56 -25.61 -9.52
N ALA C 52 -5.87 -25.49 -10.70
CA ALA C 52 -6.07 -24.36 -11.62
C ALA C 52 -7.54 -23.92 -11.79
N GLU C 53 -8.47 -24.81 -12.15
CA GLU C 53 -9.88 -24.43 -12.36
C GLU C 53 -10.59 -23.92 -11.11
N SER C 54 -10.55 -24.68 -10.01
CA SER C 54 -11.22 -24.28 -8.77
C SER C 54 -10.61 -23.02 -8.15
N TYR C 55 -9.26 -22.96 -8.06
CA TYR C 55 -8.53 -21.84 -7.47
C TYR C 55 -8.79 -20.51 -8.17
N THR C 56 -8.81 -20.53 -9.52
CA THR C 56 -9.02 -19.35 -10.36
C THR C 56 -10.45 -18.78 -10.22
N LYS C 57 -11.47 -19.63 -10.04
CA LYS C 57 -12.85 -19.17 -9.83
C LYS C 57 -12.92 -18.36 -8.52
N VAL C 58 -12.26 -18.83 -7.45
CA VAL C 58 -12.21 -18.16 -6.15
C VAL C 58 -11.25 -16.98 -6.17
N CYS C 59 -10.06 -17.17 -6.74
CA CYS C 59 -8.97 -16.19 -6.72
C CYS C 59 -8.56 -15.75 -8.14
N PRO C 60 -9.33 -14.83 -8.80
CA PRO C 60 -8.95 -14.37 -10.15
C PRO C 60 -7.65 -13.57 -10.24
N ARG C 61 -7.17 -13.00 -9.10
CA ARG C 61 -5.89 -12.27 -9.02
C ARG C 61 -5.09 -13.02 -8.00
N ARG C 62 -3.87 -13.38 -8.37
CA ARG C 62 -2.98 -14.23 -7.62
C ARG C 62 -1.65 -13.55 -7.49
N CYS C 63 -0.98 -13.79 -6.37
CA CYS C 63 0.39 -13.37 -6.12
C CYS C 63 1.07 -14.33 -5.20
N ASP C 64 2.40 -14.26 -5.14
CA ASP C 64 3.24 -15.06 -4.26
C ASP C 64 4.58 -14.34 -4.06
N LEU C 65 5.36 -14.77 -3.06
CA LEU C 65 6.65 -14.14 -2.75
C LEU C 65 7.70 -14.28 -3.85
N ALA C 66 7.70 -15.34 -4.67
CA ALA C 66 8.68 -15.48 -5.76
C ALA C 66 8.39 -14.46 -6.87
N THR C 67 7.11 -14.28 -7.22
CA THR C 67 6.63 -13.27 -8.19
C THR C 67 6.88 -11.87 -7.66
N ALA C 68 6.63 -11.63 -6.35
CA ALA C 68 6.85 -10.32 -5.75
C ALA C 68 8.34 -9.95 -5.77
N ALA C 69 9.27 -10.92 -5.59
CA ALA C 69 10.72 -10.63 -5.66
C ALA C 69 11.11 -10.23 -7.10
N GLN C 70 10.53 -10.93 -8.10
CA GLN C 70 10.69 -10.68 -9.53
C GLN C 70 10.19 -9.26 -9.84
N LYS C 71 9.01 -8.86 -9.29
CA LYS C 71 8.43 -7.52 -9.49
C LYS C 71 9.33 -6.45 -8.87
N ALA C 72 9.85 -6.73 -7.69
CA ALA C 72 10.74 -5.84 -6.95
C ALA C 72 11.97 -5.48 -7.82
N LEU C 73 12.53 -6.49 -8.54
CA LEU C 73 13.67 -6.34 -9.45
C LEU C 73 13.32 -5.65 -10.77
N GLU C 74 12.04 -5.46 -11.05
CA GLU C 74 11.59 -4.76 -12.26
C GLU C 74 11.36 -3.28 -11.88
N GLY C 75 11.47 -2.99 -10.58
CA GLY C 75 11.26 -1.68 -10.01
C GLY C 75 9.81 -1.39 -9.68
N ALA C 76 8.95 -2.44 -9.62
CA ALA C 76 7.49 -2.31 -9.32
C ALA C 76 7.16 -1.60 -8.03
N TYR C 77 7.97 -1.76 -7.00
CA TYR C 77 7.67 -1.20 -5.68
C TYR C 77 8.53 -0.06 -5.23
N SER C 78 9.62 0.19 -5.93
CA SER C 78 10.65 1.15 -5.57
C SER C 78 10.24 2.61 -5.32
N TYR C 79 9.23 3.10 -6.01
CA TYR C 79 8.84 4.52 -5.94
C TYR C 79 7.73 4.82 -4.95
N ASP C 80 7.16 3.79 -4.31
CA ASP C 80 6.13 4.02 -3.30
C ASP C 80 6.87 4.31 -2.02
N LEU C 81 6.64 5.48 -1.47
CA LEU C 81 7.33 5.92 -0.25
C LEU C 81 7.08 4.97 0.91
N ARG C 82 5.86 4.44 1.00
CA ARG C 82 5.47 3.55 2.08
C ARG C 82 5.37 2.13 1.65
N LEU C 83 5.83 1.82 0.41
CA LEU C 83 5.75 0.49 -0.21
C LEU C 83 4.34 -0.05 -0.26
N GLU C 84 3.40 0.86 -0.59
CA GLU C 84 1.95 0.62 -0.71
C GLU C 84 1.65 -0.52 -1.65
N GLY C 85 2.33 -0.53 -2.80
CA GLY C 85 2.22 -1.58 -3.82
C GLY C 85 2.60 -2.95 -3.25
N LEU C 86 3.67 -3.01 -2.49
CA LEU C 86 4.09 -4.27 -1.89
C LEU C 86 3.11 -4.76 -0.83
N LYS C 87 2.60 -3.84 0.03
CA LYS C 87 1.58 -4.13 1.05
C LYS C 87 0.33 -4.69 0.38
N ALA C 88 -0.11 -4.09 -0.77
CA ALA C 88 -1.29 -4.53 -1.54
C ALA C 88 -1.06 -5.95 -2.06
N ASP C 89 0.20 -6.31 -2.42
CA ASP C 89 0.51 -7.66 -2.89
C ASP C 89 0.53 -8.68 -1.76
N ILE C 90 0.96 -8.26 -0.56
CA ILE C 90 1.00 -9.10 0.64
C ILE C 90 -0.43 -9.38 1.05
N ALA C 91 -1.29 -8.33 1.10
CA ALA C 91 -2.70 -8.41 1.45
C ALA C 91 -3.44 -9.34 0.50
N LEU C 92 -3.10 -9.32 -0.81
CA LEU C 92 -3.73 -10.20 -1.80
C LEU C 92 -3.38 -11.68 -1.53
N MET C 93 -2.10 -11.97 -1.29
CA MET C 93 -1.63 -13.32 -0.94
C MET C 93 -2.41 -13.90 0.27
N ALA C 94 -2.51 -13.11 1.34
CA ALA C 94 -3.15 -13.55 2.58
C ALA C 94 -4.66 -13.69 2.39
N SER C 95 -5.29 -12.76 1.66
CA SER C 95 -6.75 -12.77 1.40
C SER C 95 -7.16 -13.99 0.59
N ASN C 96 -6.36 -14.37 -0.42
CA ASN C 96 -6.57 -15.51 -1.30
C ASN C 96 -6.50 -16.83 -0.54
N CYS C 97 -5.61 -16.89 0.44
CA CYS C 97 -5.39 -18.06 1.27
C CYS C 97 -6.60 -18.25 2.22
N VAL C 98 -7.07 -17.15 2.83
CA VAL C 98 -8.26 -17.16 3.70
C VAL C 98 -9.51 -17.59 2.88
N ALA C 99 -9.74 -16.96 1.70
CA ALA C 99 -10.87 -17.20 0.80
C ALA C 99 -10.93 -18.66 0.31
N TYR C 100 -9.80 -19.19 -0.14
CA TYR C 100 -9.71 -20.54 -0.66
C TYR C 100 -9.71 -21.61 0.39
N ASN C 101 -8.96 -21.45 1.48
CA ASN C 101 -8.87 -22.51 2.48
C ASN C 101 -9.93 -22.43 3.58
N GLY C 102 -10.60 -21.30 3.75
CA GLY C 102 -11.63 -21.14 4.77
C GLY C 102 -11.13 -20.31 5.93
N PRO C 103 -11.99 -19.53 6.62
CA PRO C 103 -11.49 -18.59 7.65
C PRO C 103 -11.07 -19.21 8.97
N THR C 104 -11.55 -20.43 9.27
CA THR C 104 -11.19 -21.13 10.51
C THR C 104 -10.00 -22.07 10.29
N SER C 105 -9.56 -22.25 9.01
CA SER C 105 -8.45 -23.15 8.71
C SER C 105 -7.14 -22.68 9.29
N ALA C 106 -6.20 -23.62 9.52
CA ALA C 106 -4.86 -23.31 9.99
C ALA C 106 -4.14 -22.47 8.96
N TYR C 107 -4.52 -22.60 7.67
CA TYR C 107 -3.99 -21.77 6.57
C TYR C 107 -4.38 -20.30 6.77
N ALA C 108 -5.66 -20.05 7.16
CA ALA C 108 -6.20 -18.72 7.42
C ALA C 108 -5.51 -18.09 8.62
N GLU C 109 -5.19 -18.91 9.63
CA GLU C 109 -4.48 -18.48 10.84
C GLU C 109 -3.04 -18.08 10.47
N THR C 110 -2.35 -18.89 9.65
CA THR C 110 -0.98 -18.63 9.17
C THR C 110 -0.99 -17.38 8.31
N ALA C 111 -2.06 -17.21 7.48
CA ALA C 111 -2.17 -16.04 6.60
C ALA C 111 -2.20 -14.73 7.39
N ALA C 112 -2.97 -14.66 8.50
CA ALA C 112 -3.02 -13.47 9.37
C ALA C 112 -1.70 -13.24 10.10
N LYS C 113 -0.98 -14.30 10.45
CA LYS C 113 0.34 -14.23 11.11
C LYS C 113 1.38 -13.73 10.11
N PHE C 114 1.36 -14.22 8.86
CA PHE C 114 2.27 -13.81 7.78
C PHE C 114 2.03 -12.35 7.45
N GLU C 115 0.75 -11.97 7.24
CA GLU C 115 0.36 -10.60 6.93
C GLU C 115 0.85 -9.63 8.03
N ARG C 116 0.60 -9.98 9.31
CA ARG C 116 1.02 -9.12 10.43
C ARG C 116 2.56 -8.99 10.44
N TYR C 117 3.31 -10.11 10.29
CA TYR C 117 4.78 -10.09 10.25
C TYR C 117 5.30 -9.30 9.06
N ALA C 118 4.71 -9.50 7.87
CA ALA C 118 5.11 -8.86 6.63
C ALA C 118 4.96 -7.36 6.67
N LEU C 119 3.84 -6.84 7.20
CA LEU C 119 3.61 -5.40 7.29
C LEU C 119 4.51 -4.73 8.32
N GLU C 120 4.89 -5.44 9.39
CA GLU C 120 5.81 -4.94 10.39
C GLU C 120 7.23 -4.83 9.80
N GLN C 121 7.63 -5.80 8.98
CA GLN C 121 8.94 -5.79 8.34
C GLN C 121 8.99 -4.73 7.25
N ILE C 122 7.86 -4.49 6.57
CA ILE C 122 7.79 -3.45 5.56
C ILE C 122 7.91 -2.09 6.26
N ASP C 123 7.16 -1.88 7.37
CA ASP C 123 7.22 -0.64 8.17
C ASP C 123 8.61 -0.43 8.68
N ALA C 124 9.29 -1.49 9.17
CA ALA C 124 10.66 -1.39 9.67
C ALA C 124 11.64 -1.01 8.55
N PHE C 125 11.41 -1.46 7.31
CA PHE C 125 12.24 -1.09 6.17
C PHE C 125 12.04 0.39 5.87
N VAL C 126 10.78 0.84 5.86
CA VAL C 126 10.39 2.24 5.62
C VAL C 126 11.08 3.10 6.69
N LEU C 127 10.99 2.68 7.98
CA LEU C 127 11.62 3.30 9.15
C LEU C 127 13.13 3.49 8.94
N GLU C 128 13.85 2.42 8.54
CA GLU C 128 15.31 2.45 8.32
C GLU C 128 15.76 3.43 7.23
N HIS C 129 15.04 3.49 6.10
CA HIS C 129 15.41 4.36 4.98
C HIS C 129 14.84 5.80 5.07
N ASN C 130 14.23 6.19 6.24
CA ASN C 130 13.63 7.50 6.44
C ASN C 130 13.72 7.92 7.91
N ASN D 13 1.85 5.97 53.17
CA ASN D 13 1.24 6.52 51.94
C ASN D 13 0.78 7.98 52.18
N LEU D 14 -0.33 8.18 52.94
CA LEU D 14 -0.82 9.53 53.31
C LEU D 14 -0.01 10.08 54.52
N TYR D 15 1.01 9.34 54.98
CA TYR D 15 1.83 9.68 56.16
C TYR D 15 3.33 9.66 55.79
N PHE D 16 3.60 9.75 54.48
CA PHE D 16 4.92 9.78 53.88
C PHE D 16 5.08 11.16 53.20
N GLN D 17 6.25 11.80 53.40
CA GLN D 17 6.59 13.14 52.87
C GLN D 17 6.32 13.28 51.34
N GLY D 18 6.43 12.17 50.63
CA GLY D 18 6.17 12.10 49.20
C GLY D 18 7.29 12.56 48.28
N TYR D 19 7.13 12.26 46.99
CA TYR D 19 8.07 12.64 45.95
C TYR D 19 7.65 13.99 45.35
N ASN D 20 8.62 14.84 44.95
CA ASN D 20 8.31 16.13 44.32
C ASN D 20 7.80 15.89 42.90
N GLU D 21 6.64 16.49 42.56
CA GLU D 21 5.94 16.42 41.25
C GLU D 21 6.90 16.66 40.08
N ALA D 22 7.79 17.68 40.23
CA ALA D 22 8.82 18.09 39.26
C ALA D 22 9.89 16.99 39.05
N ASP D 23 10.25 16.24 40.13
CA ASP D 23 11.22 15.14 40.11
C ASP D 23 10.63 13.90 39.41
N VAL D 24 9.35 13.57 39.71
CA VAL D 24 8.61 12.44 39.13
C VAL D 24 8.32 12.69 37.64
N ALA D 25 7.99 13.96 37.25
CA ALA D 25 7.72 14.35 35.86
C ALA D 25 9.00 14.22 35.05
N ALA D 26 10.15 14.68 35.62
CA ALA D 26 11.49 14.58 35.02
C ALA D 26 11.82 13.11 34.75
N LEU D 27 11.53 12.23 35.74
CA LEU D 27 11.72 10.77 35.69
C LEU D 27 10.88 10.14 34.56
N VAL D 28 9.58 10.53 34.45
CA VAL D 28 8.65 10.01 33.42
C VAL D 28 9.15 10.37 32.01
N ARG D 29 9.50 11.65 31.79
CA ARG D 29 10.02 12.15 30.52
C ARG D 29 11.30 11.41 30.08
N SER D 30 12.19 11.07 31.05
CA SER D 30 13.44 10.32 30.81
C SER D 30 13.21 8.89 30.24
N LEU D 31 11.98 8.34 30.44
CA LEU D 31 11.59 7.00 29.99
C LEU D 31 11.26 6.94 28.49
N ASP D 32 11.03 8.12 27.85
CA ASP D 32 10.77 8.21 26.41
C ASP D 32 12.11 8.06 25.67
N ARG D 33 12.37 6.87 25.11
CA ARG D 33 13.63 6.58 24.44
C ARG D 33 13.52 6.55 22.90
N ALA D 34 14.63 6.93 22.23
CA ALA D 34 14.78 6.89 20.78
C ALA D 34 14.95 5.42 20.33
N GLU D 35 15.61 4.61 21.19
CA GLU D 35 15.87 3.15 21.07
C GLU D 35 14.53 2.37 20.97
N ASP D 36 13.44 2.92 21.56
CA ASP D 36 12.09 2.35 21.56
C ASP D 36 11.20 2.94 20.43
N HIS D 37 11.75 3.90 19.65
CA HIS D 37 11.11 4.62 18.53
C HIS D 37 9.93 5.50 18.98
N HIS D 38 9.97 5.96 20.25
CA HIS D 38 8.96 6.83 20.90
C HIS D 38 7.50 6.31 20.73
N ILE D 39 7.34 4.98 20.70
CA ILE D 39 6.05 4.31 20.51
C ILE D 39 5.13 4.47 21.73
N PHE D 40 5.71 4.77 22.91
CA PHE D 40 5.02 4.97 24.19
C PHE D 40 4.93 6.45 24.60
N ALA D 41 5.53 7.36 23.80
CA ALA D 41 5.60 8.81 24.05
C ALA D 41 4.24 9.49 24.20
N VAL D 42 3.32 9.22 23.25
CA VAL D 42 1.97 9.78 23.28
C VAL D 42 0.93 8.66 23.16
N ASP D 43 -0.34 9.02 23.41
CA ASP D 43 -1.51 8.14 23.33
C ASP D 43 -1.61 7.57 21.89
N VAL D 44 -1.83 6.22 21.79
CA VAL D 44 -2.01 5.49 20.51
C VAL D 44 -3.19 6.12 19.72
N LEU D 45 -4.27 6.49 20.44
CA LEU D 45 -5.47 7.13 19.90
C LEU D 45 -5.22 8.61 19.48
N GLU D 46 -4.08 9.21 19.94
CA GLU D 46 -3.69 10.57 19.58
C GLU D 46 -2.87 10.60 18.29
N THR D 47 -1.95 9.63 18.10
CA THR D 47 -1.14 9.49 16.87
C THR D 47 -2.03 8.92 15.77
N TYR D 48 -2.65 7.75 16.05
CA TYR D 48 -3.55 7.04 15.15
C TYR D 48 -5.00 7.01 15.72
N PRO D 49 -5.84 8.04 15.39
CA PRO D 49 -7.22 8.05 15.93
C PRO D 49 -8.17 7.07 15.23
N TYR D 50 -7.84 6.65 13.99
CA TYR D 50 -8.63 5.71 13.19
C TYR D 50 -8.65 4.27 13.75
N LEU D 51 -7.72 3.94 14.69
CA LEU D 51 -7.62 2.61 15.31
C LEU D 51 -8.53 2.43 16.54
N ALA D 52 -9.13 3.54 17.04
CA ALA D 52 -10.00 3.63 18.23
C ALA D 52 -11.01 2.50 18.43
N GLU D 53 -11.70 2.07 17.35
CA GLU D 53 -12.70 0.99 17.39
C GLU D 53 -12.07 -0.38 17.70
N SER D 54 -11.01 -0.76 16.93
CA SER D 54 -10.27 -2.01 17.09
C SER D 54 -9.43 -2.04 18.38
N TYR D 55 -8.74 -0.92 18.70
CA TYR D 55 -7.86 -0.78 19.87
C TYR D 55 -8.57 -0.88 21.22
N THR D 56 -9.75 -0.23 21.38
CA THR D 56 -10.56 -0.24 22.61
C THR D 56 -11.07 -1.64 22.98
N LYS D 57 -11.36 -2.49 21.97
CA LYS D 57 -11.83 -3.87 22.14
C LYS D 57 -10.73 -4.79 22.71
N VAL D 58 -9.46 -4.52 22.36
CA VAL D 58 -8.29 -5.24 22.83
C VAL D 58 -7.79 -4.67 24.16
N CYS D 59 -7.68 -3.32 24.24
CA CYS D 59 -7.22 -2.58 25.42
C CYS D 59 -8.30 -1.59 25.91
N PRO D 60 -9.10 -1.94 26.96
CA PRO D 60 -10.15 -1.02 27.42
C PRO D 60 -9.63 0.20 28.20
N ARG D 61 -8.45 0.05 28.86
CA ARG D 61 -7.78 1.11 29.61
C ARG D 61 -6.45 1.42 28.95
N ARG D 62 -6.14 2.70 28.78
CA ARG D 62 -4.90 3.16 28.13
C ARG D 62 -4.05 4.06 29.00
N CYS D 63 -2.75 4.17 28.63
CA CYS D 63 -1.74 5.06 29.20
C CYS D 63 -0.58 5.19 28.22
N ASP D 64 0.13 6.32 28.33
CA ASP D 64 1.31 6.66 27.55
C ASP D 64 2.21 7.53 28.43
N LEU D 65 3.40 7.94 27.93
CA LEU D 65 4.36 8.75 28.70
C LEU D 65 3.96 10.23 28.83
N ALA D 66 3.27 10.83 27.82
CA ALA D 66 2.78 12.22 27.91
C ALA D 66 1.69 12.33 29.00
N THR D 67 0.76 11.34 29.03
CA THR D 67 -0.35 11.23 29.99
C THR D 67 0.16 10.99 31.41
N ALA D 68 1.19 10.12 31.56
CA ALA D 68 1.81 9.81 32.86
C ALA D 68 2.60 11.00 33.43
N ALA D 69 3.27 11.78 32.54
CA ALA D 69 4.04 12.98 32.92
C ALA D 69 3.08 14.07 33.44
N GLN D 70 1.90 14.21 32.79
CA GLN D 70 0.84 15.14 33.16
C GLN D 70 0.28 14.75 34.54
N LYS D 71 0.02 13.42 34.74
CA LYS D 71 -0.45 12.81 35.99
C LYS D 71 0.57 13.02 37.12
N ALA D 72 1.88 12.91 36.80
CA ALA D 72 3.01 13.13 37.71
C ALA D 72 3.03 14.57 38.22
N LEU D 73 2.69 15.53 37.34
CA LEU D 73 2.63 16.96 37.64
C LEU D 73 1.45 17.32 38.53
N GLU D 74 0.36 16.52 38.44
CA GLU D 74 -0.87 16.66 39.25
C GLU D 74 -0.67 16.08 40.67
N GLY D 75 0.40 15.29 40.85
CA GLY D 75 0.76 14.66 42.11
C GLY D 75 0.08 13.31 42.31
N ALA D 76 -0.33 12.66 41.20
CA ALA D 76 -1.01 11.35 41.18
C ALA D 76 -0.15 10.21 41.72
N TYR D 77 1.19 10.31 41.58
CA TYR D 77 2.15 9.28 41.98
C TYR D 77 2.96 9.61 43.26
N SER D 78 3.05 10.90 43.62
CA SER D 78 3.82 11.48 44.73
C SER D 78 3.78 10.75 46.08
N TYR D 79 2.62 10.18 46.47
CA TYR D 79 2.50 9.59 47.80
C TYR D 79 2.60 8.05 47.83
N ASP D 80 2.89 7.42 46.67
CA ASP D 80 3.12 5.97 46.62
C ASP D 80 4.57 5.77 47.07
N LEU D 81 4.76 5.08 48.22
CA LEU D 81 6.08 4.86 48.80
C LEU D 81 7.10 4.28 47.81
N ARG D 82 6.72 3.27 47.02
CA ARG D 82 7.62 2.67 46.02
C ARG D 82 7.17 2.96 44.58
N LEU D 83 6.37 4.06 44.38
CA LEU D 83 5.82 4.52 43.10
C LEU D 83 5.07 3.42 42.31
N GLU D 84 4.27 2.61 43.05
CA GLU D 84 3.47 1.48 42.57
C GLU D 84 2.47 1.86 41.46
N GLY D 85 1.85 3.03 41.62
CA GLY D 85 0.89 3.56 40.66
C GLY D 85 1.51 3.87 39.32
N LEU D 86 2.72 4.47 39.33
CA LEU D 86 3.48 4.83 38.13
C LEU D 86 3.98 3.55 37.41
N LYS D 87 4.40 2.52 38.20
CA LYS D 87 4.86 1.21 37.71
C LYS D 87 3.72 0.42 37.05
N ALA D 88 2.46 0.58 37.59
CA ALA D 88 1.24 -0.04 37.06
C ALA D 88 0.95 0.55 35.67
N ASP D 89 1.14 1.88 35.53
CA ASP D 89 0.96 2.60 34.26
C ASP D 89 2.04 2.19 33.23
N ILE D 90 3.30 2.00 33.67
CA ILE D 90 4.42 1.52 32.83
C ILE D 90 4.06 0.11 32.30
N ALA D 91 3.59 -0.76 33.23
CA ALA D 91 3.14 -2.13 32.96
C ALA D 91 1.94 -2.12 31.99
N LEU D 92 1.01 -1.14 32.11
CA LEU D 92 -0.17 -1.00 31.26
C LEU D 92 0.22 -0.69 29.81
N MET D 93 1.12 0.29 29.59
CA MET D 93 1.63 0.69 28.27
C MET D 93 2.25 -0.54 27.56
N ALA D 94 3.09 -1.31 28.31
CA ALA D 94 3.77 -2.51 27.82
C ALA D 94 2.77 -3.66 27.57
N SER D 95 1.84 -3.92 28.54
CA SER D 95 0.80 -4.96 28.46
C SER D 95 -0.17 -4.71 27.29
N ASN D 96 -0.48 -3.43 27.01
CA ASN D 96 -1.36 -3.01 25.91
C ASN D 96 -0.71 -3.18 24.53
N CYS D 97 0.63 -2.94 24.44
CA CYS D 97 1.40 -3.07 23.20
C CYS D 97 1.51 -4.55 22.77
N VAL D 98 1.81 -5.45 23.76
CA VAL D 98 1.94 -6.91 23.59
C VAL D 98 0.59 -7.56 23.24
N ALA D 99 -0.53 -7.10 23.85
CA ALA D 99 -1.88 -7.63 23.60
C ALA D 99 -2.39 -7.27 22.20
N TYR D 100 -2.12 -6.03 21.75
CA TYR D 100 -2.59 -5.53 20.46
C TYR D 100 -1.77 -6.03 19.28
N ASN D 101 -0.44 -5.82 19.31
CA ASN D 101 0.49 -6.18 18.24
C ASN D 101 0.88 -7.67 18.20
N GLY D 102 0.65 -8.39 19.31
CA GLY D 102 0.97 -9.81 19.43
C GLY D 102 2.25 -10.03 20.19
N PRO D 103 2.45 -11.21 20.85
CA PRO D 103 3.69 -11.42 21.63
C PRO D 103 4.95 -11.67 20.82
N THR D 104 4.81 -12.08 19.53
CA THR D 104 5.94 -12.36 18.64
C THR D 104 6.42 -11.13 17.81
N SER D 105 5.66 -10.00 17.87
CA SER D 105 5.94 -8.75 17.15
C SER D 105 7.22 -8.04 17.63
N ALA D 106 7.76 -7.15 16.75
CA ALA D 106 8.93 -6.31 17.04
C ALA D 106 8.52 -5.32 18.14
N TYR D 107 7.21 -4.99 18.18
CA TYR D 107 6.56 -4.09 19.13
C TYR D 107 6.56 -4.68 20.55
N ALA D 108 6.27 -6.02 20.68
CA ALA D 108 6.27 -6.73 21.96
C ALA D 108 7.68 -6.80 22.55
N GLU D 109 8.71 -6.96 21.68
CA GLU D 109 10.13 -6.97 22.03
C GLU D 109 10.52 -5.57 22.57
N THR D 110 10.11 -4.50 21.83
CA THR D 110 10.35 -3.10 22.21
C THR D 110 9.72 -2.79 23.59
N ALA D 111 8.47 -3.27 23.81
CA ALA D 111 7.70 -3.12 25.04
C ALA D 111 8.41 -3.82 26.25
N ALA D 112 9.05 -4.98 26.02
CA ALA D 112 9.78 -5.73 27.07
C ALA D 112 11.01 -4.94 27.50
N LYS D 113 11.80 -4.46 26.52
CA LYS D 113 13.01 -3.65 26.73
C LYS D 113 12.65 -2.34 27.45
N PHE D 114 11.49 -1.72 27.07
CA PHE D 114 10.96 -0.50 27.70
C PHE D 114 10.57 -0.74 29.16
N GLU D 115 9.72 -1.78 29.43
CA GLU D 115 9.24 -2.14 30.77
C GLU D 115 10.42 -2.36 31.73
N ARG D 116 11.46 -3.11 31.26
CA ARG D 116 12.65 -3.40 32.04
C ARG D 116 13.41 -2.13 32.41
N TYR D 117 13.77 -1.29 31.40
CA TYR D 117 14.49 -0.02 31.59
C TYR D 117 13.72 0.92 32.54
N ALA D 118 12.39 1.08 32.31
CA ALA D 118 11.49 1.93 33.10
C ALA D 118 11.41 1.50 34.56
N LEU D 119 11.17 0.18 34.81
CA LEU D 119 11.09 -0.40 36.15
C LEU D 119 12.38 -0.20 36.94
N GLU D 120 13.55 -0.40 36.27
CA GLU D 120 14.87 -0.23 36.88
C GLU D 120 15.08 1.26 37.28
N GLN D 121 14.74 2.19 36.35
CA GLN D 121 14.85 3.63 36.53
C GLN D 121 14.05 4.14 37.76
N ILE D 122 12.79 3.67 37.89
CA ILE D 122 11.87 3.99 38.98
C ILE D 122 12.40 3.39 40.30
N ASP D 123 12.88 2.14 40.27
CA ASP D 123 13.44 1.49 41.46
C ASP D 123 14.64 2.30 41.98
N ALA D 124 15.53 2.74 41.05
CA ALA D 124 16.72 3.56 41.34
C ALA D 124 16.29 4.87 42.00
N PHE D 125 15.26 5.55 41.41
CA PHE D 125 14.67 6.82 41.89
C PHE D 125 14.14 6.69 43.33
N VAL D 126 13.43 5.57 43.65
CA VAL D 126 12.84 5.28 44.97
C VAL D 126 13.97 5.21 46.04
N LEU D 127 15.09 4.53 45.72
CA LEU D 127 16.23 4.40 46.64
C LEU D 127 17.00 5.72 46.82
N GLU D 128 17.11 6.53 45.74
CA GLU D 128 17.77 7.83 45.73
C GLU D 128 16.99 8.84 46.58
N HIS D 129 15.64 8.83 46.50
CA HIS D 129 14.75 9.73 47.24
C HIS D 129 14.07 9.01 48.40
#